data_5G0F
#
_entry.id   5G0F
#
_cell.length_a   100.740
_cell.length_b   100.740
_cell.length_c   100.740
_cell.angle_alpha   90.00
_cell.angle_beta   90.00
_cell.angle_gamma   90.00
#
_symmetry.space_group_name_H-M   'I 2 3'
#
loop_
_entity.id
_entity.type
_entity.pdbx_description
1 polymer HDAC6
2 non-polymer GLYCINE
3 non-polymer 'ZINC ION'
4 non-polymer 'NICKEL (II) ION'
5 water water
#
_entity_poly.entity_id   1
_entity_poly.type   'polypeptide(L)'
_entity_poly.pdbx_seq_one_letter_code
;GPDPLPWCPHLESVRPVPAGGIDVFQPCEECGGEAENWICLFCYKVLCGRYVNQHMVTHGQESGHPVVLSFADLSVWCYA
CESYVHNKVLHEAKNAAHLVKFGEGIHPFN
;
_entity_poly.pdbx_strand_id   A
#
# COMPACT_ATOMS: atom_id res chain seq x y z
N GLY A 1 -11.50 -7.87 -5.64
CA GLY A 1 -11.73 -7.78 -4.20
C GLY A 1 -13.19 -7.54 -3.80
N PRO A 2 -13.49 -7.41 -2.49
CA PRO A 2 -14.87 -7.10 -2.07
C PRO A 2 -15.15 -5.62 -2.35
N ASP A 3 -16.40 -5.15 -2.23
CA ASP A 3 -16.71 -3.74 -2.46
C ASP A 3 -16.03 -2.91 -1.32
N PRO A 4 -15.08 -2.02 -1.66
CA PRO A 4 -14.39 -1.28 -0.59
C PRO A 4 -15.17 -0.10 -0.04
N LEU A 5 -14.69 0.47 1.07
CA LEU A 5 -15.26 1.71 1.58
C LEU A 5 -14.87 2.84 0.57
N PRO A 6 -15.77 3.80 0.31
CA PRO A 6 -15.41 4.90 -0.63
C PRO A 6 -14.60 6.01 0.03
N TRP A 7 -14.36 5.88 1.34
CA TRP A 7 -13.68 6.83 2.19
C TRP A 7 -13.50 6.18 3.54
N CYS A 8 -12.51 6.64 4.28
CA CYS A 8 -12.36 6.24 5.68
C CYS A 8 -11.71 7.40 6.46
N PRO A 9 -11.87 7.48 7.80
CA PRO A 9 -11.29 8.62 8.53
C PRO A 9 -9.75 8.64 8.63
N HIS A 10 -9.05 7.66 8.04
CA HIS A 10 -7.60 7.60 8.19
C HIS A 10 -6.82 8.01 6.95
N LEU A 11 -7.52 8.55 5.93
CA LEU A 11 -6.90 8.97 4.69
C LEU A 11 -5.90 10.16 4.81
N GLU A 12 -5.81 10.85 6.00
CA GLU A 12 -4.78 11.88 6.25
C GLU A 12 -3.42 11.20 6.49
N SER A 13 -3.43 9.90 6.85
CA SER A 13 -2.22 9.09 7.06
C SER A 13 -1.66 8.62 5.69
N VAL A 14 -2.16 9.20 4.57
CA VAL A 14 -1.66 8.91 3.23
C VAL A 14 -0.79 10.11 2.86
N ARG A 15 0.52 9.88 2.75
CA ARG A 15 1.48 10.94 2.45
C ARG A 15 1.84 10.93 0.98
N PRO A 16 2.44 12.01 0.42
CA PRO A 16 2.83 11.99 -1.01
C PRO A 16 3.76 10.83 -1.33
N VAL A 17 3.65 10.27 -2.52
CA VAL A 17 4.51 9.17 -2.96
C VAL A 17 5.96 9.73 -3.00
N PRO A 18 6.96 9.03 -2.40
CA PRO A 18 8.34 9.56 -2.43
C PRO A 18 8.90 9.63 -3.84
N ALA A 19 9.98 10.42 -4.00
CA ALA A 19 10.69 10.68 -5.25
C ALA A 19 11.02 9.40 -6.05
N GLY A 20 11.44 8.34 -5.35
CA GLY A 20 11.74 7.07 -5.97
C GLY A 20 10.53 6.25 -6.41
N GLY A 21 9.32 6.72 -6.10
CA GLY A 21 8.06 6.06 -6.45
C GLY A 21 7.75 4.86 -5.59
N ILE A 22 6.98 3.89 -6.13
CA ILE A 22 6.61 2.67 -5.39
C ILE A 22 7.15 1.47 -6.17
N ASP A 23 8.24 0.88 -5.65
CA ASP A 23 8.87 -0.26 -6.31
C ASP A 23 8.36 -1.56 -5.73
N VAL A 24 7.48 -2.24 -6.49
CA VAL A 24 6.83 -3.49 -6.07
C VAL A 24 7.79 -4.68 -5.97
N PHE A 25 9.05 -4.52 -6.36
CA PHE A 25 9.97 -5.65 -6.30
C PHE A 25 10.72 -5.71 -4.97
N GLN A 26 10.51 -4.70 -4.09
CA GLN A 26 11.18 -4.68 -2.78
C GLN A 26 10.70 -5.82 -1.84
N PRO A 27 11.65 -6.54 -1.21
CA PRO A 27 11.27 -7.58 -0.24
C PRO A 27 10.97 -6.93 1.13
N CYS A 28 10.45 -7.73 2.08
CA CYS A 28 10.16 -7.21 3.42
C CYS A 28 11.45 -6.69 4.06
N GLU A 29 11.41 -5.46 4.62
CA GLU A 29 12.57 -4.85 5.26
C GLU A 29 12.98 -5.61 6.54
N GLU A 30 12.06 -6.36 7.16
CA GLU A 30 12.41 -7.10 8.38
C GLU A 30 12.89 -8.51 8.15
N CYS A 31 12.20 -9.29 7.32
CA CYS A 31 12.58 -10.70 7.17
C CYS A 31 13.13 -11.08 5.80
N GLY A 32 13.08 -10.15 4.84
CA GLY A 32 13.53 -10.42 3.49
C GLY A 32 12.55 -11.20 2.65
N GLY A 33 11.34 -11.44 3.19
CA GLY A 33 10.27 -12.14 2.45
C GLY A 33 10.06 -11.51 1.07
N GLU A 34 10.01 -12.35 0.04
CA GLU A 34 9.95 -11.92 -1.38
C GLU A 34 8.60 -11.59 -1.93
N ALA A 35 7.55 -12.23 -1.42
CA ALA A 35 6.22 -12.05 -1.97
C ALA A 35 5.20 -11.71 -0.87
N GLU A 36 4.02 -11.22 -1.28
CA GLU A 36 2.92 -10.82 -0.37
C GLU A 36 3.33 -9.64 0.54
N ASN A 37 4.15 -8.74 -0.02
CA ASN A 37 4.61 -7.54 0.66
C ASN A 37 3.62 -6.42 0.44
N TRP A 38 3.60 -5.50 1.40
CA TRP A 38 2.74 -4.32 1.43
C TRP A 38 3.63 -3.11 1.66
N ILE A 39 3.16 -1.92 1.27
CA ILE A 39 3.92 -0.68 1.50
C ILE A 39 3.07 0.26 2.36
N CYS A 40 3.69 0.88 3.38
CA CYS A 40 2.96 1.79 4.23
C CYS A 40 2.77 3.13 3.50
N LEU A 41 1.54 3.63 3.39
CA LEU A 41 1.29 4.88 2.65
C LEU A 41 1.61 6.14 3.47
N PHE A 42 2.08 5.96 4.70
CA PHE A 42 2.56 7.08 5.50
C PHE A 42 4.07 7.26 5.24
N CYS A 43 4.88 6.27 5.65
CA CYS A 43 6.36 6.33 5.63
C CYS A 43 7.02 5.53 4.50
N TYR A 44 6.22 4.76 3.74
CA TYR A 44 6.66 3.98 2.59
C TYR A 44 7.70 2.87 2.92
N LYS A 45 7.64 2.34 4.15
CA LYS A 45 8.38 1.14 4.52
C LYS A 45 7.69 -0.06 3.82
N VAL A 46 8.48 -1.04 3.40
CA VAL A 46 7.97 -2.24 2.73
C VAL A 46 8.07 -3.38 3.72
N LEU A 47 6.92 -3.98 4.08
CA LEU A 47 6.88 -5.06 5.06
C LEU A 47 5.89 -6.13 4.62
N CYS A 48 6.13 -7.39 5.03
CA CYS A 48 5.29 -8.54 4.67
C CYS A 48 3.87 -8.53 5.28
N GLY A 49 2.94 -9.13 4.55
CA GLY A 49 1.55 -9.22 4.98
C GLY A 49 1.28 -10.33 5.97
N ARG A 50 -0.01 -10.46 6.33
CA ARG A 50 -0.51 -11.44 7.28
C ARG A 50 -0.25 -12.91 6.90
N TYR A 51 -0.05 -13.21 5.60
CA TYR A 51 0.25 -14.59 5.15
C TYR A 51 1.75 -14.94 5.32
N VAL A 52 2.57 -13.95 5.68
CA VAL A 52 4.00 -14.20 5.82
C VAL A 52 4.39 -14.16 7.32
N ASN A 53 4.99 -13.04 7.80
CA ASN A 53 5.45 -12.87 9.17
C ASN A 53 4.82 -11.69 9.88
N GLN A 54 3.69 -11.18 9.34
CA GLN A 54 2.83 -10.14 9.93
C GLN A 54 3.61 -8.83 10.26
N HIS A 55 4.70 -8.56 9.54
CA HIS A 55 5.51 -7.39 9.86
C HIS A 55 4.80 -6.06 9.61
N MET A 56 3.93 -5.98 8.58
CA MET A 56 3.21 -4.74 8.30
C MET A 56 2.15 -4.44 9.36
N VAL A 57 1.37 -5.46 9.77
CA VAL A 57 0.35 -5.27 10.81
C VAL A 57 1.02 -4.85 12.14
N THR A 58 2.21 -5.42 12.45
CA THR A 58 2.99 -5.06 13.65
C THR A 58 3.40 -3.58 13.56
N HIS A 59 3.96 -3.15 12.41
CA HIS A 59 4.37 -1.76 12.13
C HIS A 59 3.16 -0.81 12.26
N GLY A 60 2.02 -1.21 11.69
CA GLY A 60 0.78 -0.43 11.73
C GLY A 60 0.34 -0.11 13.14
N GLN A 61 0.43 -1.11 14.04
CA GLN A 61 0.08 -0.98 15.46
C GLN A 61 1.10 -0.08 16.20
N GLU A 62 2.41 -0.37 16.05
CA GLU A 62 3.49 0.37 16.72
C GLU A 62 3.60 1.83 16.27
N SER A 63 3.37 2.11 14.97
CA SER A 63 3.50 3.46 14.43
C SER A 63 2.20 4.28 14.45
N GLY A 64 1.07 3.61 14.42
CA GLY A 64 -0.23 4.25 14.28
C GLY A 64 -0.50 4.66 12.84
N HIS A 65 0.21 4.04 11.86
CA HIS A 65 0.04 4.29 10.41
C HIS A 65 -0.91 3.18 9.92
N PRO A 66 -2.23 3.47 9.71
CA PRO A 66 -3.18 2.39 9.41
C PRO A 66 -3.43 2.02 7.93
N VAL A 67 -2.94 2.84 6.97
CA VAL A 67 -3.24 2.66 5.56
C VAL A 67 -2.05 2.10 4.77
N VAL A 68 -2.27 0.92 4.18
CA VAL A 68 -1.24 0.17 3.44
C VAL A 68 -1.70 -0.33 2.05
N LEU A 69 -0.76 -0.46 1.13
CA LEU A 69 -1.00 -0.88 -0.27
C LEU A 69 -0.35 -2.21 -0.58
N SER A 70 -1.08 -3.11 -1.27
CA SER A 70 -0.58 -4.45 -1.65
C SER A 70 0.18 -4.46 -2.95
N PHE A 71 1.36 -5.05 -2.95
CA PHE A 71 2.13 -5.25 -4.17
C PHE A 71 1.51 -6.32 -5.08
N ALA A 72 0.83 -7.35 -4.50
CA ALA A 72 0.21 -8.47 -5.22
C ALA A 72 -0.97 -8.05 -6.09
N ASP A 73 -1.81 -7.10 -5.63
CA ASP A 73 -3.00 -6.70 -6.42
C ASP A 73 -3.32 -5.20 -6.39
N LEU A 74 -2.47 -4.38 -5.76
CA LEU A 74 -2.58 -2.91 -5.70
C LEU A 74 -3.84 -2.42 -4.95
N SER A 75 -4.42 -3.28 -4.11
CA SER A 75 -5.53 -2.92 -3.26
C SER A 75 -4.94 -2.19 -2.04
N VAL A 76 -5.80 -1.46 -1.31
CA VAL A 76 -5.43 -0.65 -0.16
C VAL A 76 -6.28 -1.09 1.00
N TRP A 77 -5.57 -1.43 2.11
CA TRP A 77 -6.19 -1.87 3.34
C TRP A 77 -6.01 -0.86 4.47
N CYS A 78 -7.07 -0.66 5.27
CA CYS A 78 -6.97 0.16 6.47
C CYS A 78 -7.10 -0.75 7.71
N TYR A 79 -6.04 -0.81 8.55
CA TYR A 79 -6.03 -1.61 9.81
C TYR A 79 -7.03 -1.12 10.83
N ALA A 80 -7.23 0.21 10.90
CA ALA A 80 -8.16 0.81 11.86
C ALA A 80 -9.62 0.46 11.52
N CYS A 81 -9.99 0.51 10.22
CA CYS A 81 -11.31 0.17 9.71
C CYS A 81 -11.51 -1.36 9.49
N GLU A 82 -10.40 -2.13 9.35
CA GLU A 82 -10.38 -3.58 9.05
C GLU A 82 -11.16 -3.77 7.73
N SER A 83 -10.78 -2.97 6.71
CA SER A 83 -11.48 -2.95 5.44
C SER A 83 -10.59 -2.48 4.29
N TYR A 84 -10.97 -2.89 3.07
CA TYR A 84 -10.37 -2.35 1.88
C TYR A 84 -11.01 -0.96 1.68
N VAL A 85 -10.23 -0.02 1.18
CA VAL A 85 -10.67 1.35 0.95
C VAL A 85 -10.27 1.78 -0.47
N HIS A 86 -11.15 2.52 -1.12
CA HIS A 86 -10.83 3.11 -2.42
C HIS A 86 -11.34 4.54 -2.41
N ASN A 87 -10.44 5.48 -2.63
CA ASN A 87 -10.74 6.91 -2.59
C ASN A 87 -9.74 7.61 -3.51
N LYS A 88 -10.07 8.81 -4.03
CA LYS A 88 -9.16 9.58 -4.91
C LYS A 88 -7.76 9.84 -4.31
N VAL A 89 -7.65 9.93 -2.96
N VAL A 89 -7.62 9.95 -2.96
CA VAL A 89 -6.39 10.12 -2.22
CA VAL A 89 -6.30 10.16 -2.32
C VAL A 89 -5.39 8.98 -2.53
C VAL A 89 -5.35 8.97 -2.54
N LEU A 90 -5.91 7.79 -2.88
CA LEU A 90 -5.15 6.57 -3.12
C LEU A 90 -4.75 6.38 -4.57
N HIS A 91 -5.31 7.22 -5.46
CA HIS A 91 -5.04 7.16 -6.89
C HIS A 91 -3.58 7.27 -7.23
N GLU A 92 -2.86 8.22 -6.61
CA GLU A 92 -1.44 8.43 -6.92
C GLU A 92 -0.58 7.18 -6.59
N ALA A 93 -0.76 6.63 -5.36
CA ALA A 93 -0.02 5.45 -4.91
C ALA A 93 -0.34 4.24 -5.78
N LYS A 94 -1.64 4.00 -6.10
CA LYS A 94 -2.04 2.88 -6.98
C LYS A 94 -1.35 2.98 -8.35
N ASN A 95 -1.37 4.19 -8.96
CA ASN A 95 -0.73 4.44 -10.26
C ASN A 95 0.78 4.29 -10.19
N ALA A 96 1.43 4.76 -9.09
CA ALA A 96 2.89 4.64 -8.95
C ALA A 96 3.32 3.16 -8.90
N ALA A 97 2.57 2.33 -8.14
CA ALA A 97 2.81 0.90 -8.04
C ALA A 97 2.58 0.19 -9.39
N HIS A 98 1.48 0.53 -10.09
CA HIS A 98 1.10 -0.01 -11.41
C HIS A 98 2.20 0.27 -12.46
N LEU A 99 2.77 1.50 -12.42
CA LEU A 99 3.86 1.95 -13.30
C LEU A 99 5.09 1.01 -13.22
N VAL A 100 5.52 0.63 -12.01
CA VAL A 100 6.65 -0.28 -11.83
C VAL A 100 6.25 -1.74 -12.13
N LYS A 101 5.10 -2.16 -11.61
CA LYS A 101 4.63 -3.53 -11.79
C LYS A 101 4.34 -3.92 -13.25
N PHE A 102 3.70 -3.00 -14.00
CA PHE A 102 3.26 -3.26 -15.37
C PHE A 102 3.94 -2.40 -16.46
N GLY A 103 4.87 -1.52 -16.08
CA GLY A 103 5.60 -0.68 -17.04
C GLY A 103 4.82 0.47 -17.68
N GLU A 104 3.61 0.75 -17.17
CA GLU A 104 2.74 1.83 -17.65
C GLU A 104 1.78 2.26 -16.54
N GLY A 105 1.27 3.48 -16.66
CA GLY A 105 0.28 4.01 -15.73
C GLY A 105 -1.08 3.35 -15.87
N ILE A 106 -1.97 3.60 -14.89
CA ILE A 106 -3.35 3.13 -14.89
C ILE A 106 -4.11 3.69 -16.15
N HIS A 107 -3.79 4.93 -16.55
CA HIS A 107 -4.35 5.52 -17.76
C HIS A 107 -3.19 6.12 -18.60
N PRO A 108 -2.58 5.28 -19.46
CA PRO A 108 -1.42 5.77 -20.26
C PRO A 108 -1.80 6.83 -21.29
N PHE A 109 -0.82 7.67 -21.67
CA PHE A 109 -0.97 8.72 -22.68
C PHE A 109 -1.17 8.06 -24.06
N ASN A 110 -2.01 8.67 -24.92
CA ASN A 110 -2.31 8.15 -26.26
C ASN A 110 -1.22 8.58 -27.27
#